data_6VS4
#
_entry.id   6VS4
#
_cell.length_a   65.190
_cell.length_b   65.190
_cell.length_c   307.710
_cell.angle_alpha   90.000
_cell.angle_beta   90.000
_cell.angle_gamma   90.000
#
_symmetry.space_group_name_H-M   'P 43 21 2'
#
loop_
_entity.id
_entity.type
_entity.pdbx_description
1 polymer 'Small COPII coat GTPase SAR1'
2 non-polymer DI(HYDROXYETHYL)ETHER
3 non-polymer "GUANOSINE-5'-DIPHOSPHATE"
4 non-polymer 'MAGNESIUM ION'
5 water water
#
_entity_poly.entity_id   1
_entity_poly.type   'polypeptide(L)'
_entity_poly.pdbx_seq_one_letter_code
;GPGSMLDNIQEYLGVVKAKLTEFYEKVFQNFVKSLFGKPSSILFLGIDNAGKTTLVNKLKSDSTDVYMPTHHPSTSYIEI
GNLKAQVIDLGGHTAARLAWRDYFYDCHGIVFIVDVHDVERFQEVREAYETVLSLEKRAPVVVLMNKIDLEGHTPETAEA
DYQWKSWLSQETGIENQEDPERGQVVKIFYVTITSGSANSITGPLARAFKWLEAMITYNNKKESL
;
_entity_poly.pdbx_strand_id   A,B
#
loop_
_chem_comp.id
_chem_comp.type
_chem_comp.name
_chem_comp.formula
GDP RNA linking GUANOSINE-5'-DIPHOSPHATE 'C10 H15 N5 O11 P2'
MG non-polymer 'MAGNESIUM ION' 'Mg 2'
PEG non-polymer DI(HYDROXYETHYL)ETHER 'C4 H10 O3'
#
# COMPACT_ATOMS: atom_id res chain seq x y z
N GLY A 3 11.73 -29.44 0.69
CA GLY A 3 11.73 -28.20 1.45
C GLY A 3 12.95 -27.33 1.16
N SER A 4 14.12 -27.98 1.11
CA SER A 4 15.38 -27.31 0.81
C SER A 4 15.44 -26.79 -0.62
N MET A 5 14.53 -27.22 -1.48
CA MET A 5 14.49 -26.77 -2.87
C MET A 5 13.94 -25.36 -3.04
N LEU A 6 13.15 -24.88 -2.08
CA LEU A 6 12.63 -23.51 -2.05
C LEU A 6 13.59 -22.52 -1.40
N ASP A 7 14.72 -22.99 -0.88
CA ASP A 7 15.64 -22.13 -0.13
C ASP A 7 16.16 -20.97 -0.95
N ASN A 8 15.92 -19.75 -0.45
CA ASN A 8 16.40 -18.49 -0.99
C ASN A 8 15.73 -18.07 -2.28
N ILE A 9 14.78 -18.84 -2.79
CA ILE A 9 14.09 -18.45 -4.01
C ILE A 9 13.38 -17.11 -3.82
N GLN A 10 12.71 -16.95 -2.68
CA GLN A 10 11.97 -15.73 -2.43
C GLN A 10 12.91 -14.53 -2.27
N GLU A 11 14.06 -14.71 -1.62
CA GLU A 11 15.02 -13.61 -1.47
C GLU A 11 15.51 -13.11 -2.82
N TYR A 12 15.72 -14.02 -3.78
CA TYR A 12 16.12 -13.61 -5.13
C TYR A 12 14.99 -12.88 -5.85
N LEU A 13 13.75 -13.36 -5.72
CA LEU A 13 12.64 -12.63 -6.32
C LEU A 13 12.55 -11.21 -5.77
N GLY A 14 12.80 -11.06 -4.47
CA GLY A 14 12.75 -9.72 -3.88
C GLY A 14 13.88 -8.83 -4.36
N VAL A 15 15.10 -9.37 -4.44
CA VAL A 15 16.24 -8.59 -4.92
C VAL A 15 16.01 -8.12 -6.35
N VAL A 16 15.51 -9.00 -7.20
CA VAL A 16 15.27 -8.63 -8.59
C VAL A 16 14.17 -7.58 -8.67
N LYS A 17 13.08 -7.79 -7.93
CA LYS A 17 12.00 -6.81 -7.93
C LYS A 17 12.52 -5.45 -7.48
N ALA A 18 13.41 -5.43 -6.50
CA ALA A 18 13.95 -4.15 -6.05
C ALA A 18 14.78 -3.48 -7.14
N LYS A 19 15.57 -4.26 -7.88
CA LYS A 19 16.33 -3.65 -8.99
C LYS A 19 15.39 -3.14 -10.06
N LEU A 20 14.31 -3.87 -10.34
CA LEU A 20 13.34 -3.42 -11.33
C LEU A 20 12.68 -2.10 -10.91
N THR A 21 12.40 -1.96 -9.61
CA THR A 21 11.80 -0.73 -9.11
C THR A 21 12.75 0.47 -9.25
N GLU A 22 14.03 0.28 -8.88
CA GLU A 22 15.02 1.34 -9.07
C GLU A 22 15.13 1.73 -10.54
N PHE A 23 15.15 0.72 -11.42
CA PHE A 23 15.24 0.95 -12.85
C PHE A 23 14.02 1.74 -13.35
N TYR A 24 12.84 1.33 -12.90
CA TYR A 24 11.60 2.03 -13.27
C TYR A 24 11.67 3.50 -12.87
N GLU A 25 12.19 3.78 -11.68
CA GLU A 25 12.31 5.17 -11.23
C GLU A 25 13.35 5.92 -12.04
N LYS A 26 14.45 5.25 -12.40
CA LYS A 26 15.50 5.92 -13.16
C LYS A 26 15.00 6.41 -14.50
N VAL A 27 14.14 5.62 -15.16
CA VAL A 27 13.58 6.03 -16.45
C VAL A 27 12.78 7.30 -16.29
N PHE A 28 12.01 7.42 -15.21
CA PHE A 28 11.25 8.63 -14.98
C PHE A 28 12.19 9.82 -14.78
N GLN A 29 13.24 9.65 -13.98
CA GLN A 29 14.19 10.73 -13.75
C GLN A 29 14.86 11.16 -15.05
N ASN A 30 15.21 10.20 -15.91
CA ASN A 30 15.81 10.52 -17.19
C ASN A 30 14.82 11.23 -18.11
N PHE A 31 13.58 10.75 -18.16
CA PHE A 31 12.59 11.34 -19.04
C PHE A 31 12.33 12.80 -18.67
N VAL A 32 12.21 13.08 -17.38
CA VAL A 32 11.92 14.44 -16.95
C VAL A 32 13.12 15.35 -17.18
N LYS A 33 14.31 14.86 -16.83
CA LYS A 33 15.53 15.64 -17.04
C LYS A 33 15.72 16.00 -18.50
N SER A 34 15.26 15.14 -19.42
CA SER A 34 15.41 15.38 -20.85
C SER A 34 14.34 16.29 -21.43
N LEU A 35 13.31 16.63 -20.64
CA LEU A 35 12.21 17.45 -21.15
C LEU A 35 12.66 18.88 -21.44
N PHE A 36 13.59 19.40 -20.65
CA PHE A 36 13.98 20.79 -20.72
C PHE A 36 15.30 20.88 -21.48
N GLY A 37 15.24 21.43 -22.69
CA GLY A 37 16.44 21.58 -23.51
C GLY A 37 17.26 22.81 -23.21
N LYS A 38 16.66 23.81 -22.58
CA LYS A 38 17.35 25.01 -22.13
C LYS A 38 17.06 25.18 -20.65
N PRO A 39 17.91 25.91 -19.92
CA PRO A 39 17.65 26.12 -18.49
C PRO A 39 16.30 26.78 -18.26
N SER A 40 15.49 26.17 -17.40
CA SER A 40 14.12 26.60 -17.18
C SER A 40 13.86 26.71 -15.69
N SER A 41 13.43 27.89 -15.27
CA SER A 41 13.04 28.10 -13.87
C SER A 41 11.61 27.63 -13.67
N ILE A 42 11.43 26.56 -12.90
CA ILE A 42 10.11 26.03 -12.58
C ILE A 42 9.84 26.26 -11.10
N LEU A 43 8.71 26.86 -10.79
CA LEU A 43 8.31 27.14 -9.41
C LEU A 43 7.33 26.06 -8.95
N PHE A 44 7.67 25.39 -7.86
CA PHE A 44 6.79 24.38 -7.25
C PHE A 44 6.12 25.03 -6.05
N LEU A 45 4.81 25.22 -6.12
CA LEU A 45 4.09 26.09 -5.21
C LEU A 45 2.90 25.35 -4.61
N GLY A 46 2.42 25.89 -3.49
CA GLY A 46 1.35 25.25 -2.74
C GLY A 46 1.53 25.48 -1.26
N ILE A 47 0.49 25.23 -0.45
CA ILE A 47 0.66 25.36 0.99
C ILE A 47 1.45 24.16 1.48
N ASP A 48 1.95 24.23 2.71
CA ASP A 48 2.77 23.14 3.25
C ASP A 48 1.97 21.85 3.38
N ASN A 49 2.70 20.72 3.32
CA ASN A 49 2.17 19.36 3.41
C ASN A 49 1.45 18.92 2.14
N ALA A 50 1.54 19.70 1.05
CA ALA A 50 0.87 19.33 -0.19
C ALA A 50 1.62 18.25 -0.97
N GLY A 51 2.92 18.09 -0.76
CA GLY A 51 3.72 17.12 -1.46
C GLY A 51 4.79 17.70 -2.38
N LYS A 52 5.19 18.95 -2.16
CA LYS A 52 6.15 19.61 -3.05
C LYS A 52 7.53 18.99 -2.92
N THR A 53 8.04 18.90 -1.69
CA THR A 53 9.36 18.32 -1.46
C THR A 53 9.40 16.87 -1.91
N THR A 54 8.30 16.14 -1.72
CA THR A 54 8.20 14.76 -2.17
C THR A 54 8.35 14.67 -3.69
N LEU A 55 7.69 15.56 -4.42
CA LEU A 55 7.78 15.54 -5.88
C LEU A 55 9.20 15.84 -6.36
N VAL A 56 9.82 16.87 -5.78
CA VAL A 56 11.15 17.25 -6.25
C VAL A 56 12.17 16.16 -5.92
N ASN A 57 12.01 15.53 -4.74
CA ASN A 57 12.85 14.38 -4.43
C ASN A 57 12.61 13.23 -5.40
N LYS A 58 11.40 13.14 -5.96
CA LYS A 58 11.12 12.10 -6.94
C LYS A 58 11.84 12.37 -8.27
N LEU A 59 12.03 13.63 -8.62
CA LEU A 59 12.63 13.98 -9.90
C LEU A 59 14.15 13.93 -9.89
N LYS A 60 14.76 14.15 -8.72
CA LYS A 60 16.19 14.33 -8.67
C LYS A 60 16.93 12.99 -8.69
N SER A 61 18.17 13.03 -9.18
CA SER A 61 19.09 11.90 -9.07
C SER A 61 19.97 12.14 -7.86
N ASP A 62 19.85 11.27 -6.86
CA ASP A 62 20.57 11.46 -5.60
C ASP A 62 22.07 11.54 -5.80
N SER A 63 22.58 11.08 -6.93
CA SER A 63 24.02 11.08 -7.19
C SER A 63 24.52 12.44 -7.66
N THR A 64 23.80 13.08 -8.58
CA THR A 64 24.30 14.28 -9.23
C THR A 64 23.64 15.58 -8.78
N ASP A 65 22.43 15.54 -8.22
CA ASP A 65 21.67 16.75 -7.92
C ASP A 65 21.69 17.04 -6.42
N VAL A 66 21.99 18.29 -6.07
CA VAL A 66 22.23 18.68 -4.68
C VAL A 66 21.41 19.92 -4.36
N TYR A 67 20.65 19.85 -3.27
CA TYR A 67 19.91 21.01 -2.81
C TYR A 67 20.88 22.12 -2.38
N MET A 68 20.52 23.36 -2.71
CA MET A 68 21.35 24.50 -2.31
C MET A 68 20.73 25.16 -1.09
N PRO A 69 21.53 25.64 -0.14
CA PRO A 69 20.94 26.26 1.05
C PRO A 69 20.28 27.58 0.70
N THR A 70 19.03 27.73 1.12
CA THR A 70 18.35 29.01 1.07
C THR A 70 18.29 29.50 2.51
N HIS A 71 18.02 30.78 2.67
CA HIS A 71 17.97 31.31 4.02
C HIS A 71 16.56 31.42 4.59
N HIS A 72 15.54 31.55 3.73
CA HIS A 72 14.18 31.44 4.23
C HIS A 72 13.83 29.97 4.43
N PRO A 73 13.25 29.59 5.57
CA PRO A 73 12.87 28.18 5.77
C PRO A 73 11.73 27.71 4.88
N SER A 74 10.98 28.61 4.25
CA SER A 74 9.87 28.21 3.40
C SER A 74 10.29 27.86 1.97
N THR A 75 11.56 28.05 1.61
CA THR A 75 12.01 27.87 0.25
C THR A 75 13.04 26.75 0.13
N SER A 76 13.09 26.16 -1.06
CA SER A 76 14.05 25.14 -1.43
C SER A 76 14.49 25.43 -2.85
N TYR A 77 15.71 25.01 -3.19
CA TYR A 77 16.24 25.20 -4.53
C TYR A 77 17.18 24.06 -4.89
N ILE A 78 16.96 23.45 -6.04
CA ILE A 78 17.85 22.40 -6.55
C ILE A 78 17.84 22.46 -8.07
N GLU A 79 19.02 22.29 -8.65
CA GLU A 79 19.17 22.24 -10.10
C GLU A 79 19.19 20.79 -10.54
N ILE A 80 18.18 20.40 -11.31
CA ILE A 80 18.07 19.05 -11.86
C ILE A 80 18.26 19.11 -13.36
N GLY A 81 19.51 19.01 -13.82
CA GLY A 81 19.76 19.25 -15.23
C GLY A 81 19.39 20.68 -15.59
N ASN A 82 18.55 20.83 -16.61
CA ASN A 82 18.08 22.16 -17.00
C ASN A 82 16.90 22.64 -16.16
N LEU A 83 16.36 21.81 -15.29
CA LEU A 83 15.24 22.19 -14.43
C LEU A 83 15.80 22.94 -13.22
N LYS A 84 15.57 24.24 -13.15
CA LYS A 84 15.93 25.01 -11.96
C LYS A 84 14.68 25.04 -11.09
N ALA A 85 14.62 24.14 -10.12
CA ALA A 85 13.41 23.92 -9.34
C ALA A 85 13.47 24.79 -8.10
N GLN A 86 12.56 25.75 -8.01
CA GLN A 86 12.41 26.61 -6.85
C GLN A 86 11.13 26.22 -6.13
N VAL A 87 11.25 25.73 -4.89
CA VAL A 87 10.11 25.27 -4.11
C VAL A 87 9.77 26.32 -3.07
N ILE A 88 8.48 26.66 -2.96
CA ILE A 88 8.02 27.66 -1.98
C ILE A 88 6.79 27.14 -1.27
N ASP A 89 6.87 27.07 0.06
CA ASP A 89 5.70 26.76 0.88
C ASP A 89 4.91 28.06 1.03
N LEU A 90 3.75 28.13 0.37
CA LEU A 90 2.97 29.35 0.49
C LEU A 90 2.18 29.37 1.78
N GLY A 91 1.57 30.51 2.07
CA GLY A 91 0.74 30.63 3.26
C GLY A 91 -0.65 31.13 2.96
N GLY A 92 -0.74 32.23 2.23
CA GLY A 92 -2.01 32.83 1.90
C GLY A 92 -2.54 33.73 2.99
N HIS A 93 -3.59 34.48 2.63
CA HIS A 93 -4.28 35.40 3.54
C HIS A 93 -3.31 36.43 4.13
N THR A 94 -2.54 37.06 3.26
CA THR A 94 -1.63 38.12 3.69
C THR A 94 -1.20 38.94 2.48
N ALA A 95 -0.99 40.22 2.72
CA ALA A 95 -0.50 41.14 1.71
C ALA A 95 1.01 41.15 1.61
N ALA A 96 1.68 40.36 2.46
CA ALA A 96 3.13 40.25 2.38
C ALA A 96 3.54 39.28 1.31
N ARG A 97 2.59 38.96 0.44
CA ARG A 97 2.83 38.11 -0.71
C ARG A 97 3.74 38.79 -1.71
N LEU A 98 3.90 40.11 -1.59
CA LEU A 98 4.77 40.84 -2.49
C LEU A 98 6.23 40.58 -2.18
N ALA A 99 6.51 39.98 -1.01
CA ALA A 99 7.88 39.63 -0.65
C ALA A 99 8.47 38.63 -1.63
N TRP A 100 7.62 37.83 -2.28
CA TRP A 100 8.05 36.76 -3.18
C TRP A 100 8.12 37.20 -4.63
N ARG A 101 7.90 38.49 -4.91
CA ARG A 101 7.76 38.94 -6.29
C ARG A 101 9.02 38.61 -7.10
N ASP A 102 10.19 38.68 -6.48
CA ASP A 102 11.43 38.43 -7.20
C ASP A 102 11.49 37.01 -7.74
N TYR A 103 10.85 36.06 -7.05
CA TYR A 103 10.87 34.67 -7.50
C TYR A 103 10.11 34.46 -8.80
N PHE A 104 9.28 35.41 -9.20
CA PHE A 104 8.51 35.28 -10.44
C PHE A 104 9.13 36.06 -11.59
N TYR A 105 10.28 36.69 -11.39
CA TYR A 105 11.01 37.30 -12.49
C TYR A 105 11.65 36.20 -13.34
N ASP A 106 11.41 36.25 -14.65
CA ASP A 106 11.92 35.25 -15.60
C ASP A 106 11.52 33.83 -15.17
N CYS A 107 10.37 33.72 -14.53
CA CYS A 107 9.77 32.42 -14.22
C CYS A 107 9.23 31.80 -15.50
N HIS A 108 9.59 30.55 -15.76
CA HIS A 108 9.18 29.88 -16.99
C HIS A 108 7.91 29.06 -16.84
N GLY A 109 7.68 28.47 -15.67
CA GLY A 109 6.51 27.63 -15.48
C GLY A 109 6.27 27.39 -14.01
N ILE A 110 5.05 27.00 -13.69
CA ILE A 110 4.63 26.79 -12.32
C ILE A 110 4.02 25.41 -12.19
N VAL A 111 4.41 24.69 -11.13
CA VAL A 111 3.74 23.48 -10.70
C VAL A 111 3.06 23.79 -9.37
N PHE A 112 1.74 23.83 -9.37
CA PHE A 112 0.95 24.13 -8.19
C PHE A 112 0.32 22.84 -7.67
N ILE A 113 0.60 22.50 -6.42
CA ILE A 113 0.22 21.21 -5.85
C ILE A 113 -0.81 21.42 -4.75
N VAL A 114 -1.89 20.62 -4.77
CA VAL A 114 -2.97 20.69 -3.79
C VAL A 114 -3.15 19.32 -3.15
N ASP A 115 -3.30 19.30 -1.82
CA ASP A 115 -3.69 18.10 -1.09
C ASP A 115 -5.22 18.01 -1.10
N VAL A 116 -5.76 17.09 -1.91
CA VAL A 116 -7.21 16.97 -2.04
C VAL A 116 -7.86 16.43 -0.78
N HIS A 117 -7.07 15.83 0.12
CA HIS A 117 -7.65 15.27 1.33
C HIS A 117 -7.85 16.33 2.41
N ASP A 118 -6.94 17.30 2.50
CA ASP A 118 -7.00 18.36 3.51
C ASP A 118 -8.05 19.40 3.14
N VAL A 119 -9.32 18.99 3.27
CA VAL A 119 -10.42 19.85 2.81
C VAL A 119 -10.54 21.10 3.67
N GLU A 120 -10.25 21.02 4.97
CA GLU A 120 -10.43 22.16 5.86
C GLU A 120 -9.53 23.34 5.50
N ARG A 121 -8.39 23.07 4.85
CA ARG A 121 -7.44 24.12 4.49
C ARG A 121 -7.62 24.57 3.04
N PHE A 122 -8.78 24.29 2.45
CA PHE A 122 -9.06 24.71 1.07
C PHE A 122 -9.12 26.22 0.94
N GLN A 123 -9.43 26.93 2.02
CA GLN A 123 -9.43 28.38 1.98
C GLN A 123 -8.02 28.94 1.82
N GLU A 124 -7.04 28.35 2.51
CA GLU A 124 -5.66 28.73 2.27
C GLU A 124 -5.26 28.43 0.84
N VAL A 125 -5.68 27.28 0.30
CA VAL A 125 -5.30 26.90 -1.06
C VAL A 125 -5.79 27.93 -2.07
N ARG A 126 -7.05 28.35 -1.93
CA ARG A 126 -7.59 29.30 -2.90
C ARG A 126 -6.89 30.65 -2.77
N GLU A 127 -6.55 31.06 -1.55
CA GLU A 127 -5.78 32.28 -1.36
C GLU A 127 -4.35 32.10 -1.90
N ALA A 128 -3.72 30.97 -1.60
CA ALA A 128 -2.41 30.70 -2.19
C ALA A 128 -2.49 30.72 -3.71
N TYR A 129 -3.52 30.09 -4.29
CA TYR A 129 -3.66 30.08 -5.74
C TYR A 129 -3.92 31.47 -6.29
N GLU A 130 -4.79 32.24 -5.63
CA GLU A 130 -5.03 33.61 -6.05
C GLU A 130 -3.76 34.44 -5.98
N THR A 131 -2.94 34.22 -4.94
CA THR A 131 -1.67 34.93 -4.84
C THR A 131 -0.79 34.65 -6.06
N VAL A 132 -0.72 33.39 -6.48
CA VAL A 132 0.13 33.01 -7.63
C VAL A 132 -0.33 33.71 -8.89
N LEU A 133 -1.64 33.65 -9.19
CA LEU A 133 -2.14 34.21 -10.45
C LEU A 133 -1.97 35.73 -10.51
N SER A 134 -1.83 36.40 -9.37
CA SER A 134 -1.62 37.84 -9.38
C SER A 134 -0.15 38.24 -9.52
N LEU A 135 0.79 37.35 -9.19
CA LEU A 135 2.21 37.66 -9.33
C LEU A 135 2.79 37.19 -10.66
N GLU A 136 2.23 36.13 -11.25
CA GLU A 136 2.66 35.60 -12.54
C GLU A 136 1.45 35.56 -13.45
N LYS A 137 1.47 36.38 -14.51
CA LYS A 137 0.32 36.52 -15.40
C LYS A 137 0.58 36.00 -16.81
N ARG A 138 1.72 35.35 -17.04
CA ARG A 138 2.07 34.89 -18.38
C ARG A 138 2.44 33.40 -18.41
N ALA A 139 3.11 32.90 -17.38
CA ALA A 139 3.67 31.56 -17.43
C ALA A 139 2.59 30.48 -17.30
N PRO A 140 2.77 29.35 -17.96
CA PRO A 140 1.81 28.25 -17.81
C PRO A 140 1.80 27.69 -16.40
N VAL A 141 0.62 27.27 -15.96
CA VAL A 141 0.42 26.72 -14.62
C VAL A 141 -0.15 25.32 -14.77
N VAL A 142 0.57 24.34 -14.29
CA VAL A 142 0.05 22.97 -14.19
C VAL A 142 -0.32 22.72 -12.73
N VAL A 143 -1.53 22.21 -12.52
CA VAL A 143 -2.05 21.97 -11.18
C VAL A 143 -2.08 20.46 -10.94
N LEU A 144 -1.44 20.02 -9.85
CA LEU A 144 -1.45 18.64 -9.43
C LEU A 144 -2.42 18.52 -8.25
N MET A 145 -3.56 17.90 -8.48
CA MET A 145 -4.42 17.49 -7.37
C MET A 145 -3.83 16.20 -6.83
N ASN A 146 -3.15 16.30 -5.69
CA ASN A 146 -2.33 15.22 -5.16
C ASN A 146 -3.06 14.50 -4.03
N LYS A 147 -2.54 13.31 -3.70
CA LYS A 147 -3.04 12.47 -2.61
C LYS A 147 -4.44 11.91 -2.90
N ILE A 148 -4.75 11.66 -4.16
CA ILE A 148 -6.07 11.11 -4.49
C ILE A 148 -6.27 9.72 -3.91
N ASP A 149 -5.17 9.03 -3.56
CA ASP A 149 -5.30 7.73 -2.90
C ASP A 149 -6.02 7.85 -1.55
N LEU A 150 -5.91 9.00 -0.88
CA LEU A 150 -6.60 9.17 0.40
C LEU A 150 -8.11 9.26 0.24
N GLU A 151 -8.60 9.53 -0.97
CA GLU A 151 -10.02 9.44 -1.27
C GLU A 151 -10.41 8.11 -1.90
N GLY A 152 -9.46 7.17 -1.95
CA GLY A 152 -9.69 5.87 -2.57
C GLY A 152 -9.67 5.89 -4.08
N HIS A 153 -9.08 6.90 -4.70
CA HIS A 153 -9.05 7.06 -6.15
C HIS A 153 -7.70 6.67 -6.71
N THR A 154 -7.73 6.10 -7.91
CA THR A 154 -6.61 6.08 -8.83
C THR A 154 -6.75 7.23 -9.81
N PRO A 155 -5.72 7.52 -10.61
CA PRO A 155 -5.89 8.53 -11.66
C PRO A 155 -7.06 8.25 -12.59
N GLU A 156 -7.39 6.98 -12.85
CA GLU A 156 -8.47 6.68 -13.77
C GLU A 156 -9.83 6.96 -13.15
N THR A 157 -10.07 6.44 -11.93
CA THR A 157 -11.38 6.65 -11.31
C THR A 157 -11.58 8.10 -10.89
N ALA A 158 -10.49 8.81 -10.57
CA ALA A 158 -10.61 10.24 -10.28
C ALA A 158 -11.05 11.02 -11.52
N GLU A 159 -10.52 10.66 -12.69
CA GLU A 159 -10.85 11.38 -13.91
C GLU A 159 -12.33 11.19 -14.28
N ALA A 160 -12.93 10.09 -13.86
CA ALA A 160 -14.33 9.80 -14.12
C ALA A 160 -15.27 10.36 -13.05
N ASP A 161 -14.74 10.88 -11.94
CA ASP A 161 -15.54 11.39 -10.83
C ASP A 161 -15.86 12.87 -11.06
N TYR A 162 -16.73 13.12 -12.04
CA TYR A 162 -16.96 14.49 -12.47
C TYR A 162 -17.55 15.36 -11.36
N GLN A 163 -18.34 14.76 -10.45
CA GLN A 163 -18.85 15.52 -9.32
C GLN A 163 -17.70 16.03 -8.44
N TRP A 164 -16.76 15.16 -8.11
CA TRP A 164 -15.67 15.52 -7.21
C TRP A 164 -14.72 16.50 -7.87
N LYS A 165 -14.48 16.35 -9.18
CA LYS A 165 -13.64 17.31 -9.88
C LYS A 165 -14.28 18.70 -9.86
N SER A 166 -15.60 18.78 -10.04
CA SER A 166 -16.26 20.07 -9.97
C SER A 166 -16.17 20.66 -8.57
N TRP A 167 -16.34 19.83 -7.53
CA TRP A 167 -16.29 20.32 -6.16
C TRP A 167 -14.90 20.82 -5.80
N LEU A 168 -13.85 20.12 -6.25
CA LEU A 168 -12.49 20.58 -5.99
C LEU A 168 -12.25 21.94 -6.64
N SER A 169 -12.66 22.09 -7.89
CA SER A 169 -12.48 23.38 -8.56
CA SER A 169 -12.51 23.38 -8.57
C SER A 169 -13.31 24.47 -7.88
N GLN A 170 -14.50 24.12 -7.38
CA GLN A 170 -15.35 25.12 -6.72
C GLN A 170 -14.71 25.61 -5.42
N GLU A 171 -14.09 24.71 -4.66
CA GLU A 171 -13.58 25.07 -3.34
C GLU A 171 -12.21 25.75 -3.41
N THR A 172 -11.41 25.48 -4.44
CA THR A 172 -10.08 26.09 -4.54
C THR A 172 -10.02 27.23 -5.53
N GLY A 173 -11.05 27.42 -6.35
CA GLY A 173 -11.01 28.45 -7.37
C GLY A 173 -10.15 28.11 -8.57
N ILE A 174 -9.57 26.91 -8.61
CA ILE A 174 -8.70 26.51 -9.70
C ILE A 174 -9.55 25.97 -10.84
N GLU A 175 -9.45 26.60 -12.01
CA GLU A 175 -10.19 26.17 -13.19
C GLU A 175 -9.24 26.02 -14.36
N ASN A 176 -9.61 25.14 -15.29
CA ASN A 176 -8.80 24.88 -16.47
C ASN A 176 -8.95 26.01 -17.47
N GLN A 177 -7.85 26.28 -18.20
CA GLN A 177 -7.80 27.20 -19.35
C GLN A 177 -6.73 26.61 -20.27
N GLU A 178 -7.15 25.64 -21.10
CA GLU A 178 -6.23 24.86 -21.90
C GLU A 178 -5.98 25.43 -23.29
N ASP A 179 -6.60 26.58 -23.64
CA ASP A 179 -6.41 27.19 -24.95
C ASP A 179 -5.32 28.24 -24.88
N PRO A 180 -4.15 28.03 -25.50
CA PRO A 180 -3.08 29.04 -25.42
C PRO A 180 -3.37 30.32 -26.18
N GLU A 181 -4.29 30.29 -27.15
CA GLU A 181 -4.67 31.53 -27.83
C GLU A 181 -5.45 32.45 -26.90
N ARG A 182 -6.12 31.90 -25.89
CA ARG A 182 -6.96 32.67 -24.98
C ARG A 182 -6.18 33.23 -23.79
N GLY A 183 -4.85 33.18 -23.81
CA GLY A 183 -4.03 33.81 -22.80
C GLY A 183 -3.24 32.78 -21.99
N GLN A 184 -3.09 33.06 -20.70
CA GLN A 184 -2.38 32.16 -19.80
C GLN A 184 -3.12 30.82 -19.68
N VAL A 185 -2.35 29.73 -19.61
CA VAL A 185 -2.94 28.39 -19.62
C VAL A 185 -2.83 27.76 -18.23
N VAL A 186 -3.85 26.97 -17.89
CA VAL A 186 -3.94 26.22 -16.64
C VAL A 186 -4.50 24.84 -16.96
N LYS A 187 -3.85 23.78 -16.46
CA LYS A 187 -4.38 22.43 -16.66
C LYS A 187 -4.23 21.62 -15.38
N ILE A 188 -5.30 20.93 -15.01
CA ILE A 188 -5.38 20.20 -13.75
C ILE A 188 -5.11 18.72 -14.00
N PHE A 189 -4.24 18.13 -13.18
CA PHE A 189 -3.98 16.70 -13.24
C PHE A 189 -4.22 16.08 -11.87
N TYR A 190 -4.66 14.83 -11.87
CA TYR A 190 -4.99 14.10 -10.65
C TYR A 190 -3.98 12.97 -10.47
N VAL A 191 -3.23 13.02 -9.37
CA VAL A 191 -2.06 12.17 -9.18
C VAL A 191 -1.98 11.71 -7.73
N THR A 192 -1.19 10.65 -7.53
CA THR A 192 -0.68 10.24 -6.21
C THR A 192 0.83 10.21 -6.37
N ILE A 193 1.48 11.26 -5.86
CA ILE A 193 2.90 11.45 -6.12
C ILE A 193 3.72 10.36 -5.46
N THR A 194 3.25 9.80 -4.34
CA THR A 194 3.98 8.77 -3.63
C THR A 194 3.79 7.35 -4.18
N SER A 195 2.87 7.13 -5.12
CA SER A 195 2.72 5.79 -5.65
C SER A 195 3.86 5.46 -6.61
N GLY A 196 4.12 4.16 -6.75
CA GLY A 196 5.17 3.73 -7.66
C GLY A 196 4.81 3.95 -9.12
N SER A 197 3.51 3.81 -9.45
CA SER A 197 3.03 4.05 -10.80
C SER A 197 3.13 5.51 -11.21
N ALA A 198 3.31 6.42 -10.26
CA ALA A 198 3.52 7.82 -10.61
C ALA A 198 4.82 8.04 -11.37
N ASN A 199 5.73 7.07 -11.37
CA ASN A 199 6.96 7.13 -12.16
C ASN A 199 6.75 6.74 -13.62
N SER A 200 5.54 6.36 -14.02
CA SER A 200 5.29 5.98 -15.41
C SER A 200 5.40 7.21 -16.32
N ILE A 201 6.23 7.11 -17.35
CA ILE A 201 6.44 8.26 -18.24
C ILE A 201 5.26 8.49 -19.18
N THR A 202 4.22 7.69 -19.09
CA THR A 202 2.94 7.99 -19.74
C THR A 202 1.83 8.21 -18.72
N GLY A 203 2.15 8.23 -17.43
CA GLY A 203 1.17 8.49 -16.40
C GLY A 203 0.89 9.97 -16.25
N PRO A 204 -0.16 10.29 -15.50
CA PRO A 204 -0.57 11.69 -15.35
C PRO A 204 0.54 12.62 -14.86
N LEU A 205 1.33 12.19 -13.88
CA LEU A 205 2.41 13.05 -13.39
C LEU A 205 3.37 13.41 -14.51
N ALA A 206 3.78 12.41 -15.31
CA ALA A 206 4.70 12.68 -16.41
C ALA A 206 4.01 13.46 -17.52
N ARG A 207 2.73 13.19 -17.79
CA ARG A 207 2.03 13.96 -18.81
C ARG A 207 1.87 15.42 -18.38
N ALA A 208 1.79 15.68 -17.07
CA ALA A 208 1.71 17.06 -16.59
C ALA A 208 2.99 17.82 -16.94
N PHE A 209 4.15 17.19 -16.79
CA PHE A 209 5.40 17.85 -17.16
C PHE A 209 5.53 18.00 -18.66
N LYS A 210 5.07 17.02 -19.44
CA LYS A 210 5.13 17.16 -20.89
C LYS A 210 4.20 18.29 -21.36
N TRP A 211 3.03 18.42 -20.74
CA TRP A 211 2.15 19.54 -21.09
C TRP A 211 2.79 20.87 -20.72
N LEU A 212 3.38 20.96 -19.53
CA LEU A 212 4.02 22.20 -19.11
C LEU A 212 5.15 22.57 -20.06
N GLU A 213 5.99 21.59 -20.43
CA GLU A 213 7.09 21.87 -21.34
C GLU A 213 6.59 22.34 -22.70
N ALA A 214 5.55 21.69 -23.24
CA ALA A 214 5.01 22.12 -24.52
C ALA A 214 4.47 23.55 -24.44
N MET A 215 3.87 23.91 -23.31
CA MET A 215 3.35 25.27 -23.15
C MET A 215 4.48 26.28 -23.00
N ILE A 216 5.57 25.91 -22.32
CA ILE A 216 6.72 26.80 -22.25
C ILE A 216 7.32 27.01 -23.64
N THR A 217 7.33 25.95 -24.46
CA THR A 217 7.83 26.06 -25.82
C THR A 217 6.92 26.94 -26.67
N TYR A 218 5.61 26.86 -26.44
CA TYR A 218 4.66 27.77 -27.11
C TYR A 218 4.97 29.22 -26.76
N ASN A 219 5.24 29.50 -25.48
CA ASN A 219 5.59 30.85 -25.08
C ASN A 219 6.88 31.32 -25.74
N ASN A 220 7.90 30.45 -25.76
CA ASN A 220 9.18 30.85 -26.34
C ASN A 220 9.08 31.11 -27.83
N LYS A 221 8.20 30.38 -28.52
CA LYS A 221 7.99 30.62 -29.95
C LYS A 221 7.14 31.87 -30.20
N LYS A 222 6.21 32.16 -29.30
CA LYS A 222 5.36 33.34 -29.43
C LYS A 222 6.12 34.61 -29.09
N GLU A 223 7.05 34.54 -28.13
CA GLU A 223 7.87 35.70 -27.79
C GLU A 223 8.93 35.98 -28.86
N SER A 224 9.25 34.99 -29.70
CA SER A 224 10.18 35.18 -30.82
C SER A 224 9.49 35.73 -32.06
N LEU A 225 8.17 35.90 -32.03
CA LEU A 225 7.43 36.40 -33.18
C LEU A 225 6.63 37.64 -32.78
N GLY B 1 11.50 7.13 -31.87
CA GLY B 1 12.69 7.58 -31.16
C GLY B 1 12.91 6.91 -29.81
N PRO B 2 13.63 7.60 -28.92
CA PRO B 2 13.96 6.99 -27.63
C PRO B 2 12.83 7.05 -26.63
N GLY B 3 11.94 8.04 -26.78
CA GLY B 3 10.80 8.15 -25.88
C GLY B 3 9.89 6.93 -25.93
N SER B 4 9.59 6.45 -27.14
CA SER B 4 8.79 5.23 -27.25
C SER B 4 9.57 4.01 -26.79
N MET B 5 10.90 4.07 -26.79
CA MET B 5 11.66 2.93 -26.31
C MET B 5 11.70 2.90 -24.79
N LEU B 6 11.65 4.05 -24.14
CA LEU B 6 11.68 3.96 -22.69
C LEU B 6 10.32 3.61 -22.13
N ASP B 7 9.24 3.99 -22.81
CA ASP B 7 7.92 3.58 -22.35
C ASP B 7 7.78 2.07 -22.45
N ASN B 8 8.32 1.46 -23.52
CA ASN B 8 8.28 0.00 -23.64
C ASN B 8 9.14 -0.66 -22.58
N ILE B 9 10.28 -0.07 -22.23
CA ILE B 9 11.10 -0.62 -21.15
C ILE B 9 10.36 -0.55 -19.83
N GLN B 10 9.73 0.60 -19.54
CA GLN B 10 9.01 0.71 -18.27
C GLN B 10 7.82 -0.24 -18.23
N GLU B 11 7.04 -0.32 -19.31
CA GLU B 11 5.91 -1.25 -19.32
C GLU B 11 6.37 -2.69 -19.12
N TYR B 12 7.51 -3.06 -19.71
CA TYR B 12 8.00 -4.42 -19.54
C TYR B 12 8.48 -4.67 -18.11
N LEU B 13 9.16 -3.69 -17.51
CA LEU B 13 9.60 -3.86 -16.12
C LEU B 13 8.42 -4.12 -15.19
N GLY B 14 7.29 -3.45 -15.45
CA GLY B 14 6.12 -3.66 -14.62
C GLY B 14 5.49 -5.03 -14.83
N VAL B 15 5.44 -5.47 -16.09
CA VAL B 15 4.91 -6.81 -16.37
C VAL B 15 5.75 -7.87 -15.67
N VAL B 16 7.08 -7.72 -15.72
CA VAL B 16 7.97 -8.69 -15.07
C VAL B 16 7.80 -8.65 -13.56
N LYS B 17 7.75 -7.45 -12.98
CA LYS B 17 7.61 -7.33 -11.53
C LYS B 17 6.34 -8.02 -11.04
N ALA B 18 5.24 -7.89 -11.80
CA ALA B 18 3.99 -8.57 -11.42
C ALA B 18 4.12 -10.08 -11.53
N LYS B 19 4.79 -10.58 -12.57
CA LYS B 19 4.99 -12.02 -12.70
C LYS B 19 5.90 -12.55 -11.59
N LEU B 20 6.92 -11.80 -11.22
CA LEU B 20 7.77 -12.22 -10.10
C LEU B 20 6.97 -12.24 -8.80
N THR B 21 6.05 -11.28 -8.64
CA THR B 21 5.19 -11.27 -7.46
C THR B 21 4.32 -12.51 -7.41
N GLU B 22 3.76 -12.90 -8.56
CA GLU B 22 2.98 -14.14 -8.64
C GLU B 22 3.83 -15.34 -8.25
N PHE B 23 5.09 -15.39 -8.71
CA PHE B 23 5.99 -16.49 -8.33
C PHE B 23 6.26 -16.50 -6.84
N TYR B 24 6.42 -15.33 -6.24
CA TYR B 24 6.61 -15.22 -4.80
C TYR B 24 5.45 -15.88 -4.05
N GLU B 25 4.22 -15.70 -4.55
CA GLU B 25 3.06 -16.33 -3.91
C GLU B 25 3.06 -17.84 -4.14
N LYS B 26 3.42 -18.26 -5.35
CA LYS B 26 3.45 -19.69 -5.67
C LYS B 26 4.44 -20.43 -4.79
N VAL B 27 5.55 -19.79 -4.43
CA VAL B 27 6.50 -20.42 -3.51
C VAL B 27 5.84 -20.67 -2.16
N PHE B 28 5.03 -19.71 -1.68
CA PHE B 28 4.31 -19.91 -0.43
C PHE B 28 3.33 -21.07 -0.56
N GLN B 29 2.60 -21.13 -1.68
CA GLN B 29 1.63 -22.19 -1.88
C GLN B 29 2.29 -23.56 -1.92
N ASN B 30 3.43 -23.67 -2.63
CA ASN B 30 4.14 -24.94 -2.69
C ASN B 30 4.72 -25.32 -1.35
N PHE B 31 5.22 -24.32 -0.60
CA PHE B 31 5.75 -24.61 0.73
C PHE B 31 4.68 -25.21 1.63
N VAL B 32 3.44 -24.72 1.54
CA VAL B 32 2.38 -25.22 2.41
C VAL B 32 1.99 -26.64 2.04
N LYS B 33 1.83 -26.92 0.74
CA LYS B 33 1.49 -28.27 0.32
C LYS B 33 2.55 -29.28 0.75
N SER B 34 3.81 -28.87 0.80
CA SER B 34 4.88 -29.80 1.13
C SER B 34 5.03 -30.01 2.63
N LEU B 35 4.33 -29.22 3.45
CA LEU B 35 4.43 -29.39 4.90
C LEU B 35 3.76 -30.67 5.37
N PHE B 36 2.66 -31.04 4.73
CA PHE B 36 1.83 -32.15 5.18
C PHE B 36 2.10 -33.35 4.29
N GLY B 37 2.78 -34.35 4.85
CA GLY B 37 3.09 -35.57 4.12
C GLY B 37 2.00 -36.61 4.11
N LYS B 38 1.06 -36.52 5.04
CA LYS B 38 -0.11 -37.38 5.10
C LYS B 38 -1.35 -36.49 5.20
N PRO B 39 -2.52 -37.01 4.83
CA PRO B 39 -3.75 -36.21 4.96
C PRO B 39 -3.98 -35.78 6.39
N SER B 40 -4.22 -34.48 6.58
CA SER B 40 -4.36 -33.88 7.90
C SER B 40 -5.57 -32.97 7.93
N SER B 41 -6.50 -33.25 8.83
CA SER B 41 -7.68 -32.40 8.98
C SER B 41 -7.31 -31.20 9.84
N ILE B 42 -7.31 -30.02 9.24
CA ILE B 42 -7.02 -28.77 9.93
C ILE B 42 -8.29 -27.93 9.97
N LEU B 43 -8.67 -27.49 11.16
CA LEU B 43 -9.83 -26.65 11.35
C LEU B 43 -9.37 -25.20 11.46
N PHE B 44 -9.94 -24.33 10.61
CA PHE B 44 -9.69 -22.90 10.65
C PHE B 44 -10.89 -22.26 11.33
N LEU B 45 -10.66 -21.67 12.49
CA LEU B 45 -11.73 -21.28 13.39
C LEU B 45 -11.55 -19.83 13.82
N GLY B 46 -12.64 -19.27 14.34
CA GLY B 46 -12.69 -17.87 14.71
C GLY B 46 -14.07 -17.30 14.44
N ILE B 47 -14.32 -16.11 14.99
CA ILE B 47 -15.60 -15.48 14.68
C ILE B 47 -15.50 -14.92 13.26
N ASP B 48 -16.63 -14.56 12.67
CA ASP B 48 -16.61 -14.03 11.32
C ASP B 48 -15.84 -12.71 11.24
N ASN B 49 -15.29 -12.43 10.06
CA ASN B 49 -14.51 -11.23 9.73
C ASN B 49 -13.10 -11.26 10.31
N ALA B 50 -12.66 -12.40 10.85
CA ALA B 50 -11.33 -12.50 11.45
C ALA B 50 -10.23 -12.68 10.40
N GLY B 51 -10.56 -13.17 9.22
CA GLY B 51 -9.60 -13.41 8.18
C GLY B 51 -9.40 -14.88 7.77
N LYS B 52 -10.36 -15.76 8.05
CA LYS B 52 -10.19 -17.18 7.77
C LYS B 52 -10.23 -17.46 6.27
N THR B 53 -11.28 -16.98 5.59
CA THR B 53 -11.40 -17.19 4.16
C THR B 53 -10.22 -16.57 3.41
N THR B 54 -9.74 -15.42 3.88
CA THR B 54 -8.57 -14.78 3.27
C THR B 54 -7.33 -15.67 3.39
N LEU B 55 -7.13 -16.27 4.57
CA LEU B 55 -5.95 -17.11 4.78
C LEU B 55 -6.00 -18.34 3.88
N VAL B 56 -7.15 -19.00 3.81
CA VAL B 56 -7.27 -20.23 3.03
C VAL B 56 -7.15 -19.93 1.53
N ASN B 57 -7.68 -18.79 1.08
CA ASN B 57 -7.46 -18.39 -0.31
C ASN B 57 -6.00 -18.14 -0.60
N LYS B 58 -5.24 -17.69 0.40
CA LYS B 58 -3.81 -17.48 0.25
C LYS B 58 -3.08 -18.81 0.15
N LEU B 59 -3.60 -19.85 0.78
CA LEU B 59 -2.95 -21.15 0.79
C LEU B 59 -3.22 -21.94 -0.47
N LYS B 60 -4.37 -21.74 -1.10
CA LYS B 60 -4.79 -22.61 -2.18
C LYS B 60 -4.12 -22.21 -3.48
N SER B 61 -3.96 -23.19 -4.37
CA SER B 61 -3.55 -22.95 -5.74
C SER B 61 -4.80 -22.88 -6.59
N ASP B 62 -5.02 -21.72 -7.22
CA ASP B 62 -6.25 -21.50 -7.98
C ASP B 62 -6.43 -22.50 -9.12
N SER B 63 -5.36 -23.19 -9.54
CA SER B 63 -5.46 -24.12 -10.65
C SER B 63 -6.03 -25.47 -10.23
N THR B 64 -5.53 -26.02 -9.12
CA THR B 64 -5.85 -27.39 -8.73
C THR B 64 -6.81 -27.51 -7.55
N ASP B 65 -6.94 -26.49 -6.72
CA ASP B 65 -7.72 -26.59 -5.49
C ASP B 65 -9.07 -25.90 -5.66
N VAL B 66 -10.14 -26.60 -5.27
CA VAL B 66 -11.51 -26.18 -5.51
C VAL B 66 -12.31 -26.31 -4.21
N TYR B 67 -13.01 -25.23 -3.84
CA TYR B 67 -13.92 -25.29 -2.71
C TYR B 67 -15.08 -26.24 -3.00
N MET B 68 -15.46 -27.02 -2.00
CA MET B 68 -16.60 -27.91 -2.13
C MET B 68 -17.82 -27.35 -1.40
N PRO B 69 -19.02 -27.56 -1.94
CA PRO B 69 -20.21 -27.00 -1.29
C PRO B 69 -20.49 -27.68 0.05
N THR B 70 -20.73 -26.86 1.06
CA THR B 70 -21.15 -27.32 2.37
C THR B 70 -22.62 -27.00 2.56
N HIS B 71 -23.20 -27.57 3.60
CA HIS B 71 -24.63 -27.33 3.81
C HIS B 71 -24.86 -26.11 4.71
N HIS B 72 -23.97 -25.86 5.66
CA HIS B 72 -24.07 -24.68 6.52
C HIS B 72 -23.41 -23.46 5.86
N PRO B 73 -24.04 -22.28 5.95
CA PRO B 73 -23.38 -21.06 5.43
C PRO B 73 -22.15 -20.65 6.23
N SER B 74 -22.00 -21.13 7.47
CA SER B 74 -20.86 -20.79 8.30
C SER B 74 -19.63 -21.63 8.02
N THR B 75 -19.73 -22.63 7.15
CA THR B 75 -18.63 -23.56 6.93
C THR B 75 -18.13 -23.49 5.49
N SER B 76 -16.86 -23.82 5.32
CA SER B 76 -16.19 -23.92 4.02
C SER B 76 -15.32 -25.16 4.07
N TYR B 77 -15.04 -25.73 2.90
CA TYR B 77 -14.19 -26.91 2.83
C TYR B 77 -13.43 -26.93 1.51
N ILE B 78 -12.11 -27.11 1.60
CA ILE B 78 -11.27 -27.24 0.41
C ILE B 78 -10.08 -28.13 0.72
N GLU B 79 -9.75 -29.02 -0.21
CA GLU B 79 -8.58 -29.89 -0.10
C GLU B 79 -7.42 -29.25 -0.84
N ILE B 80 -6.37 -28.90 -0.10
CA ILE B 80 -5.17 -28.30 -0.65
C ILE B 80 -4.05 -29.31 -0.52
N GLY B 81 -3.89 -30.18 -1.52
CA GLY B 81 -2.97 -31.29 -1.35
C GLY B 81 -3.41 -32.15 -0.18
N ASN B 82 -2.50 -32.39 0.76
CA ASN B 82 -2.82 -33.16 1.95
C ASN B 82 -3.48 -32.31 3.04
N LEU B 83 -3.56 -31.00 2.86
CA LEU B 83 -4.21 -30.14 3.84
C LEU B 83 -5.71 -30.18 3.57
N LYS B 84 -6.46 -30.84 4.46
CA LYS B 84 -7.92 -30.86 4.40
C LYS B 84 -8.42 -29.72 5.28
N ALA B 85 -8.75 -28.60 4.65
CA ALA B 85 -9.04 -27.36 5.37
C ALA B 85 -10.54 -27.23 5.58
N GLN B 86 -10.96 -27.27 6.84
CA GLN B 86 -12.35 -27.05 7.24
C GLN B 86 -12.44 -25.70 7.92
N VAL B 87 -13.21 -24.78 7.34
CA VAL B 87 -13.38 -23.43 7.86
C VAL B 87 -14.74 -23.33 8.54
N ILE B 88 -14.78 -22.78 9.75
CA ILE B 88 -16.03 -22.59 10.50
C ILE B 88 -16.07 -21.18 11.07
N ASP B 89 -17.10 -20.42 10.70
CA ASP B 89 -17.36 -19.10 11.31
C ASP B 89 -18.11 -19.28 12.63
N LEU B 90 -17.41 -19.03 13.73
CA LEU B 90 -17.95 -19.04 15.08
C LEU B 90 -18.57 -17.66 15.37
N GLY B 91 -19.00 -17.42 16.61
CA GLY B 91 -19.40 -16.06 16.94
C GLY B 91 -20.75 -15.91 17.62
N GLY B 92 -20.94 -14.79 18.30
CA GLY B 92 -22.19 -14.54 18.98
C GLY B 92 -22.24 -15.27 20.30
N HIS B 93 -23.30 -15.00 21.06
CA HIS B 93 -23.55 -15.72 22.29
C HIS B 93 -24.53 -16.85 22.01
N THR B 94 -24.25 -18.03 22.55
CA THR B 94 -25.15 -19.16 22.34
C THR B 94 -24.86 -20.26 23.35
N ALA B 95 -25.92 -20.97 23.74
CA ALA B 95 -25.81 -22.14 24.58
C ALA B 95 -25.56 -23.42 23.77
N ALA B 96 -25.52 -23.30 22.45
CA ALA B 96 -25.29 -24.40 21.51
C ALA B 96 -23.80 -24.72 21.36
N ARG B 97 -23.09 -24.87 22.48
CA ARG B 97 -21.65 -25.10 22.42
C ARG B 97 -21.26 -26.41 21.73
N LEU B 98 -22.17 -27.39 21.70
CA LEU B 98 -21.97 -28.67 21.07
C LEU B 98 -22.28 -28.69 19.56
N ALA B 99 -22.79 -27.59 19.00
CA ALA B 99 -23.25 -27.61 17.62
C ALA B 99 -22.20 -28.07 16.61
N TRP B 100 -20.93 -27.77 16.84
CA TRP B 100 -19.88 -28.10 15.87
C TRP B 100 -19.07 -29.34 16.21
N ARG B 101 -19.52 -30.14 17.19
CA ARG B 101 -18.67 -31.22 17.71
C ARG B 101 -18.25 -32.21 16.62
N ASP B 102 -19.14 -32.51 15.67
CA ASP B 102 -18.83 -33.53 14.67
C ASP B 102 -17.63 -33.17 13.79
N TYR B 103 -17.42 -31.88 13.56
CA TYR B 103 -16.32 -31.40 12.73
C TYR B 103 -14.95 -31.66 13.37
N PHE B 104 -14.93 -32.04 14.65
CA PHE B 104 -13.68 -32.30 15.36
C PHE B 104 -13.30 -33.77 15.38
N TYR B 105 -14.03 -34.61 14.65
CA TYR B 105 -13.64 -36.01 14.52
C TYR B 105 -12.39 -36.11 13.66
N ASP B 106 -11.38 -36.81 14.19
CA ASP B 106 -10.08 -36.96 13.52
C ASP B 106 -9.47 -35.61 13.18
N CYS B 107 -9.72 -34.60 14.00
CA CYS B 107 -9.05 -33.32 13.84
C CYS B 107 -7.58 -33.42 14.22
N HIS B 108 -6.71 -32.96 13.34
CA HIS B 108 -5.27 -33.04 13.58
C HIS B 108 -4.70 -31.76 14.16
N GLY B 109 -5.24 -30.61 13.79
CA GLY B 109 -4.74 -29.35 14.29
C GLY B 109 -5.75 -28.25 14.05
N ILE B 110 -5.58 -27.17 14.78
CA ILE B 110 -6.49 -26.04 14.72
C ILE B 110 -5.68 -24.79 14.43
N VAL B 111 -6.18 -23.97 13.51
CA VAL B 111 -5.72 -22.60 13.31
C VAL B 111 -6.85 -21.69 13.79
N PHE B 112 -6.63 -20.98 14.89
CA PHE B 112 -7.63 -20.09 15.46
C PHE B 112 -7.22 -18.65 15.19
N ILE B 113 -8.07 -17.90 14.49
CA ILE B 113 -7.72 -16.57 14.00
C ILE B 113 -8.52 -15.52 14.76
N VAL B 114 -7.84 -14.47 15.20
CA VAL B 114 -8.43 -13.38 15.96
C VAL B 114 -8.15 -12.06 15.26
N ASP B 115 -9.17 -11.20 15.16
CA ASP B 115 -9.00 -9.83 14.70
C ASP B 115 -8.63 -8.95 15.89
N VAL B 116 -7.36 -8.52 15.95
CA VAL B 116 -6.88 -7.74 17.09
C VAL B 116 -7.46 -6.33 17.12
N HIS B 117 -8.02 -5.84 16.01
CA HIS B 117 -8.58 -4.49 15.99
C HIS B 117 -10.00 -4.44 16.55
N ASP B 118 -10.82 -5.45 16.27
CA ASP B 118 -12.23 -5.45 16.67
C ASP B 118 -12.35 -5.73 18.17
N VAL B 119 -12.00 -4.72 18.96
CA VAL B 119 -11.96 -4.90 20.41
C VAL B 119 -13.36 -5.13 20.98
N GLU B 120 -14.39 -4.57 20.35
CA GLU B 120 -15.75 -4.72 20.87
C GLU B 120 -16.21 -6.18 20.84
N ARG B 121 -15.66 -7.00 19.96
CA ARG B 121 -16.11 -8.38 19.85
C ARG B 121 -15.17 -9.36 20.57
N PHE B 122 -14.34 -8.85 21.48
CA PHE B 122 -13.41 -9.72 22.19
C PHE B 122 -14.14 -10.72 23.09
N GLN B 123 -15.35 -10.37 23.55
CA GLN B 123 -16.10 -11.34 24.36
C GLN B 123 -16.60 -12.50 23.52
N GLU B 124 -17.04 -12.22 22.28
CA GLU B 124 -17.37 -13.30 21.35
C GLU B 124 -16.15 -14.17 21.09
N VAL B 125 -14.99 -13.55 20.93
CA VAL B 125 -13.77 -14.31 20.70
C VAL B 125 -13.48 -15.21 21.89
N ARG B 126 -13.63 -14.68 23.11
CA ARG B 126 -13.32 -15.47 24.29
C ARG B 126 -14.26 -16.66 24.41
N GLU B 127 -15.55 -16.46 24.13
CA GLU B 127 -16.50 -17.57 24.15
C GLU B 127 -16.20 -18.58 23.04
N ALA B 128 -15.92 -18.10 21.83
CA ALA B 128 -15.56 -18.99 20.74
C ALA B 128 -14.35 -19.85 21.08
N TYR B 129 -13.32 -19.24 21.67
CA TYR B 129 -12.13 -19.98 22.03
C TYR B 129 -12.41 -21.01 23.11
N GLU B 130 -13.20 -20.64 24.13
CA GLU B 130 -13.56 -21.60 25.17
C GLU B 130 -14.36 -22.76 24.59
N THR B 131 -15.26 -22.48 23.65
CA THR B 131 -16.00 -23.53 22.98
C THR B 131 -15.06 -24.49 22.25
N VAL B 132 -14.07 -23.94 21.55
CA VAL B 132 -13.14 -24.77 20.80
C VAL B 132 -12.36 -25.69 21.74
N LEU B 133 -11.79 -25.13 22.81
CA LEU B 133 -10.97 -25.95 23.69
C LEU B 133 -11.77 -27.02 24.41
N SER B 134 -13.09 -26.85 24.53
CA SER B 134 -13.90 -27.87 25.20
C SER B 134 -14.28 -29.00 24.24
N LEU B 135 -14.22 -28.75 22.94
CA LEU B 135 -14.49 -29.78 21.93
C LEU B 135 -13.24 -30.52 21.48
N GLU B 136 -12.08 -29.87 21.53
CA GLU B 136 -10.81 -30.49 21.14
C GLU B 136 -9.80 -30.33 22.26
N LYS B 137 -9.44 -31.45 22.90
CA LYS B 137 -8.56 -31.42 24.06
C LYS B 137 -7.20 -32.05 23.76
N ARG B 138 -6.93 -32.39 22.52
CA ARG B 138 -5.69 -33.08 22.16
C ARG B 138 -4.92 -32.40 21.05
N ALA B 139 -5.60 -31.88 20.03
CA ALA B 139 -4.91 -31.39 18.85
C ALA B 139 -4.18 -30.08 19.15
N PRO B 140 -3.03 -29.87 18.51
CA PRO B 140 -2.32 -28.59 18.69
C PRO B 140 -3.12 -27.42 18.13
N VAL B 141 -3.00 -26.28 18.80
CA VAL B 141 -3.74 -25.09 18.45
C VAL B 141 -2.74 -23.99 18.18
N VAL B 142 -2.74 -23.48 16.95
CA VAL B 142 -1.96 -22.31 16.60
C VAL B 142 -2.92 -21.13 16.51
N VAL B 143 -2.57 -20.04 17.18
CA VAL B 143 -3.42 -18.86 17.25
C VAL B 143 -2.79 -17.77 16.40
N LEU B 144 -3.54 -17.28 15.42
CA LEU B 144 -3.10 -16.17 14.59
C LEU B 144 -3.81 -14.91 15.07
N MET B 145 -3.06 -14.04 15.76
CA MET B 145 -3.53 -12.69 16.05
C MET B 145 -3.33 -11.89 14.77
N ASN B 146 -4.43 -11.66 14.05
CA ASN B 146 -4.41 -11.11 12.71
C ASN B 146 -4.75 -9.62 12.72
N LYS B 147 -4.46 -8.96 11.58
CA LYS B 147 -4.76 -7.55 11.34
C LYS B 147 -3.94 -6.61 12.23
N ILE B 148 -2.70 -7.00 12.57
CA ILE B 148 -1.87 -6.14 13.40
C ILE B 148 -1.50 -4.85 12.70
N ASP B 149 -1.60 -4.81 11.36
CA ASP B 149 -1.36 -3.57 10.63
C ASP B 149 -2.34 -2.47 11.04
N LEU B 150 -3.55 -2.84 11.47
CA LEU B 150 -4.53 -1.84 11.89
C LEU B 150 -4.14 -1.17 13.21
N GLU B 151 -3.24 -1.78 13.98
CA GLU B 151 -2.68 -1.17 15.18
C GLU B 151 -1.35 -0.49 14.90
N GLY B 152 -0.93 -0.42 13.64
CA GLY B 152 0.36 0.13 13.29
C GLY B 152 1.54 -0.78 13.58
N HIS B 153 1.31 -2.08 13.70
CA HIS B 153 2.37 -3.02 14.03
C HIS B 153 2.79 -3.80 12.78
N THR B 154 4.07 -4.10 12.70
CA THR B 154 4.60 -5.20 11.90
C THR B 154 4.75 -6.41 12.79
N PRO B 155 5.01 -7.60 12.23
CA PRO B 155 5.28 -8.76 13.10
C PRO B 155 6.43 -8.52 14.07
N GLU B 156 7.41 -7.72 13.69
CA GLU B 156 8.57 -7.47 14.55
C GLU B 156 8.20 -6.55 15.71
N THR B 157 7.55 -5.42 15.42
CA THR B 157 7.17 -4.52 16.51
C THR B 157 6.05 -5.12 17.36
N ALA B 158 5.22 -5.99 16.78
CA ALA B 158 4.19 -6.64 17.59
C ALA B 158 4.80 -7.57 18.63
N GLU B 159 5.85 -8.31 18.26
CA GLU B 159 6.44 -9.27 19.18
C GLU B 159 7.09 -8.58 20.38
N ALA B 160 7.57 -7.36 20.22
CA ALA B 160 8.21 -6.64 21.32
C ALA B 160 7.24 -5.85 22.18
N ASP B 161 5.96 -5.76 21.80
CA ASP B 161 4.97 -4.99 22.55
C ASP B 161 4.32 -5.88 23.60
N TYR B 162 5.12 -6.24 24.61
CA TYR B 162 4.67 -7.21 25.60
C TYR B 162 3.44 -6.74 26.34
N GLN B 163 3.30 -5.43 26.53
CA GLN B 163 2.12 -4.87 27.17
C GLN B 163 0.86 -5.20 26.37
N TRP B 164 0.92 -5.00 25.05
CA TRP B 164 -0.22 -5.28 24.19
C TRP B 164 -0.48 -6.78 24.07
N LYS B 165 0.60 -7.58 24.05
CA LYS B 165 0.44 -9.03 24.00
C LYS B 165 -0.25 -9.55 25.27
N SER B 166 0.12 -9.02 26.44
CA SER B 166 -0.55 -9.42 27.67
C SER B 166 -2.02 -8.99 27.67
N TRP B 167 -2.30 -7.80 27.15
CA TRP B 167 -3.68 -7.32 27.11
C TRP B 167 -4.54 -8.18 26.21
N LEU B 168 -4.00 -8.61 25.06
CA LEU B 168 -4.76 -9.48 24.17
C LEU B 168 -5.07 -10.81 24.84
N SER B 169 -4.10 -11.39 25.53
CA SER B 169 -4.33 -12.64 26.24
C SER B 169 -5.36 -12.47 27.34
N GLN B 170 -5.31 -11.33 28.05
CA GLN B 170 -6.25 -11.08 29.14
C GLN B 170 -7.68 -10.96 28.62
N GLU B 171 -7.87 -10.31 27.46
CA GLU B 171 -9.22 -10.02 26.97
C GLU B 171 -9.84 -11.19 26.21
N THR B 172 -9.03 -12.06 25.60
CA THR B 172 -9.56 -13.19 24.86
C THR B 172 -9.46 -14.52 25.60
N GLY B 173 -8.69 -14.58 26.68
CA GLY B 173 -8.46 -15.83 27.38
C GLY B 173 -7.45 -16.75 26.72
N ILE B 174 -6.84 -16.33 25.62
CA ILE B 174 -5.90 -17.15 24.87
C ILE B 174 -4.51 -16.99 25.50
N GLU B 175 -3.93 -18.11 25.95
CA GLU B 175 -2.61 -18.11 26.54
C GLU B 175 -1.74 -19.16 25.86
N ASN B 176 -0.43 -18.92 25.90
CA ASN B 176 0.52 -19.85 25.30
C ASN B 176 0.71 -21.07 26.19
N GLN B 177 0.93 -22.22 25.56
CA GLN B 177 1.29 -23.45 26.26
C GLN B 177 2.21 -24.21 25.28
N GLU B 178 3.49 -23.84 25.29
CA GLU B 178 4.41 -24.32 24.27
C GLU B 178 5.14 -25.61 24.67
N ASP B 179 4.87 -26.17 25.84
CA ASP B 179 5.54 -27.39 26.27
C ASP B 179 4.70 -28.60 25.88
N PRO B 180 5.13 -29.42 24.92
CA PRO B 180 4.33 -30.60 24.57
C PRO B 180 4.33 -31.67 25.64
N GLU B 181 5.30 -31.66 26.55
CA GLU B 181 5.28 -32.61 27.66
C GLU B 181 4.14 -32.30 28.63
N ARG B 182 3.71 -31.04 28.69
CA ARG B 182 2.68 -30.60 29.63
C ARG B 182 1.27 -30.74 29.07
N GLY B 183 1.09 -31.42 27.93
CA GLY B 183 -0.24 -31.67 27.40
C GLY B 183 -0.53 -30.99 26.08
N GLN B 184 -1.77 -30.54 25.89
CA GLN B 184 -2.13 -29.84 24.66
C GLN B 184 -1.34 -28.55 24.53
N VAL B 185 -0.90 -28.25 23.31
CA VAL B 185 -0.03 -27.10 23.06
C VAL B 185 -0.80 -26.00 22.36
N VAL B 186 -0.42 -24.77 22.68
CA VAL B 186 -0.98 -23.56 22.09
C VAL B 186 0.18 -22.60 21.85
N LYS B 187 0.22 -21.98 20.67
CA LYS B 187 1.21 -20.96 20.39
C LYS B 187 0.57 -19.82 19.62
N ILE B 188 0.86 -18.59 20.03
CA ILE B 188 0.29 -17.39 19.43
C ILE B 188 1.29 -16.77 18.47
N PHE B 189 0.84 -16.42 17.27
CA PHE B 189 1.63 -15.72 16.27
C PHE B 189 0.90 -14.44 15.88
N TYR B 190 1.67 -13.40 15.56
CA TYR B 190 1.16 -12.08 15.21
C TYR B 190 1.45 -11.81 13.75
N VAL B 191 0.38 -11.64 12.95
CA VAL B 191 0.47 -11.64 11.49
C VAL B 191 -0.43 -10.56 10.90
N THR B 192 -0.16 -10.23 9.64
CA THR B 192 -1.08 -9.48 8.78
C THR B 192 -1.29 -10.35 7.54
N ILE B 193 -2.42 -11.05 7.48
CA ILE B 193 -2.63 -12.08 6.47
C ILE B 193 -2.75 -11.48 5.07
N THR B 194 -3.25 -10.25 4.95
CA THR B 194 -3.43 -9.63 3.64
C THR B 194 -2.15 -9.02 3.08
N SER B 195 -1.09 -8.91 3.88
CA SER B 195 0.14 -8.32 3.38
C SER B 195 0.87 -9.28 2.45
N GLY B 196 1.69 -8.70 1.58
CA GLY B 196 2.46 -9.53 0.67
C GLY B 196 3.55 -10.29 1.39
N SER B 197 4.15 -9.68 2.42
CA SER B 197 5.17 -10.35 3.21
C SER B 197 4.62 -11.55 3.98
N ALA B 198 3.29 -11.65 4.11
CA ALA B 198 2.71 -12.84 4.70
C ALA B 198 2.97 -14.09 3.85
N ASN B 199 3.38 -13.90 2.60
CA ASN B 199 3.79 -15.00 1.72
C ASN B 199 5.21 -15.46 1.97
N SER B 200 5.96 -14.79 2.83
CA SER B 200 7.34 -15.19 3.09
C SER B 200 7.38 -16.50 3.85
N ILE B 201 8.11 -17.49 3.30
CA ILE B 201 8.21 -18.79 3.95
C ILE B 201 9.13 -18.76 5.16
N THR B 202 9.67 -17.60 5.52
CA THR B 202 10.34 -17.41 6.81
C THR B 202 9.60 -16.43 7.71
N GLY B 203 8.43 -15.96 7.29
CA GLY B 203 7.63 -15.05 8.08
C GLY B 203 6.80 -15.77 9.12
N PRO B 204 6.21 -14.98 10.02
CA PRO B 204 5.40 -15.56 11.11
C PRO B 204 4.28 -16.47 10.63
N LEU B 205 3.55 -16.08 9.59
CA LEU B 205 2.49 -16.94 9.08
C LEU B 205 3.03 -18.30 8.70
N ALA B 206 4.14 -18.33 7.94
CA ALA B 206 4.71 -19.61 7.54
C ALA B 206 5.31 -20.35 8.72
N ARG B 207 5.88 -19.63 9.69
CA ARG B 207 6.40 -20.29 10.88
C ARG B 207 5.28 -20.88 11.74
N ALA B 208 4.07 -20.29 11.70
CA ALA B 208 2.96 -20.88 12.44
C ALA B 208 2.58 -22.24 11.88
N PHE B 209 2.56 -22.37 10.55
CA PHE B 209 2.23 -23.66 9.95
C PHE B 209 3.34 -24.68 10.17
N LYS B 210 4.60 -24.25 10.13
CA LYS B 210 5.69 -25.20 10.40
C LYS B 210 5.66 -25.66 11.84
N TRP B 211 5.30 -24.76 12.77
CA TRP B 211 5.15 -25.17 14.16
C TRP B 211 4.00 -26.15 14.33
N LEU B 212 2.87 -25.90 13.66
CA LEU B 212 1.73 -26.78 13.77
C LEU B 212 2.06 -28.16 13.22
N GLU B 213 2.72 -28.22 12.06
CA GLU B 213 3.09 -29.51 11.49
C GLU B 213 4.05 -30.27 12.40
N ALA B 214 5.01 -29.56 13.01
CA ALA B 214 5.92 -30.22 13.94
C ALA B 214 5.18 -30.80 15.14
N MET B 215 4.15 -30.10 15.62
CA MET B 215 3.36 -30.62 16.74
C MET B 215 2.50 -31.80 16.31
N ILE B 216 1.96 -31.78 15.10
CA ILE B 216 1.20 -32.93 14.61
C ILE B 216 2.10 -34.14 14.49
N THR B 217 3.35 -33.94 14.07
CA THR B 217 4.31 -35.04 13.97
C THR B 217 4.72 -35.55 15.36
N TYR B 218 4.87 -34.65 16.33
CA TYR B 218 5.16 -35.08 17.69
C TYR B 218 4.04 -35.95 18.24
N ASN B 219 2.78 -35.53 18.02
CA ASN B 219 1.64 -36.31 18.49
C ASN B 219 1.61 -37.69 17.83
N ASN B 220 1.83 -37.74 16.52
CA ASN B 220 1.76 -38.99 15.78
C ASN B 220 2.86 -39.96 16.22
N LYS B 221 3.98 -39.44 16.73
CA LYS B 221 5.03 -40.32 17.21
C LYS B 221 4.61 -41.07 18.47
N LYS B 222 3.76 -40.45 19.30
CA LYS B 222 3.25 -41.15 20.48
C LYS B 222 2.17 -42.17 20.11
N GLU B 223 1.32 -41.83 19.15
CA GLU B 223 0.28 -42.75 18.67
C GLU B 223 0.85 -43.82 17.75
C1 PEG C . 4.92 -10.21 -1.87
O1 PEG C . 4.21 -10.42 -3.07
C2 PEG C . 5.66 -8.91 -1.85
O2 PEG C . 6.68 -8.91 -2.84
C3 PEG C . 7.70 -9.87 -2.59
C4 PEG C . 9.05 -9.23 -2.68
O4 PEG C . 9.23 -8.22 -1.69
PB GDP D . 5.58 19.99 1.41
O1B GDP D . 5.32 20.81 2.69
O2B GDP D . 7.03 20.03 0.99
O3B GDP D . 4.60 20.46 0.34
O3A GDP D . 5.15 18.49 1.73
PA GDP D . 5.91 17.09 1.66
O1A GDP D . 6.87 17.05 2.84
O2A GDP D . 6.50 16.86 0.33
O5' GDP D . 4.77 16.02 1.98
C5' GDP D . 4.07 15.93 3.24
C4' GDP D . 3.60 14.52 3.45
O4' GDP D . 2.65 14.16 2.42
C3' GDP D . 4.69 13.45 3.43
O3' GDP D . 4.58 12.56 4.54
C2' GDP D . 4.46 12.72 2.10
O2' GDP D . 4.84 11.36 2.18
C1' GDP D . 2.94 12.86 1.97
N9 GDP D . 2.45 12.72 0.59
C8 GDP D . 2.87 13.36 -0.53
N7 GDP D . 2.22 12.99 -1.61
C5 GDP D . 1.32 12.03 -1.17
C6 GDP D . 0.37 11.22 -1.87
O6 GDP D . 0.10 11.25 -3.07
N1 GDP D . -0.29 10.35 -1.03
C2 GDP D . -0.12 10.27 0.32
N2 GDP D . -0.86 9.38 0.98
N3 GDP D . 0.75 11.02 0.99
C4 GDP D . 1.45 11.86 0.19
MG MG E . 8.93 21.18 1.71
C1 PEG F . 7.31 0.08 -8.96
O1 PEG F . 7.65 1.45 -9.10
C2 PEG F . 7.82 -0.77 -10.10
O2 PEG F . 6.73 -1.23 -10.88
C3 PEG F . 6.02 -0.18 -11.53
C4 PEG F . 4.82 -0.73 -12.24
O4 PEG F . 3.84 -1.19 -11.34
C1 PEG G . -27.15 -15.32 28.77
O1 PEG G . -27.68 -14.89 27.53
C2 PEG G . -27.27 -16.80 28.96
O2 PEG G . -26.45 -17.49 28.03
C3 PEG G . -26.44 -18.91 28.24
C4 PEG G . -25.03 -19.41 28.32
O4 PEG G . -24.31 -19.14 27.13
PB GDP H . -13.71 -14.57 7.69
O1B GDP H . -15.14 -14.15 8.02
O2B GDP H . -13.69 -15.60 6.65
O3B GDP H . -13.02 -14.98 8.98
O3A GDP H . -12.93 -13.27 7.22
PA GDP H . -12.40 -12.79 5.80
O1A GDP H . -13.60 -12.76 4.85
O2A GDP H . -11.29 -13.65 5.32
O5' GDP H . -11.92 -11.27 6.06
C5' GDP H . -12.77 -10.18 6.47
C4' GDP H . -12.14 -8.88 6.01
O4' GDP H . -10.90 -8.66 6.72
C3' GDP H . -11.81 -8.81 4.51
O3' GDP H . -12.27 -7.59 3.93
C2' GDP H . -10.29 -8.95 4.47
O2' GDP H . -9.69 -8.27 3.38
C1' GDP H . -9.90 -8.28 5.78
N9 GDP H . -8.60 -8.70 6.30
C8 GDP H . -8.13 -9.97 6.49
N7 GDP H . -6.93 -10.02 7.01
C5 GDP H . -6.58 -8.68 7.18
C6 GDP H . -5.39 -8.09 7.71
O6 GDP H . -4.40 -8.65 8.13
N1 GDP H . -5.48 -6.70 7.71
C2 GDP H . -6.54 -5.97 7.27
N2 GDP H . -6.45 -4.65 7.38
N3 GDP H . -7.64 -6.52 6.75
C4 GDP H . -7.59 -7.86 6.74
MG MG I . -15.27 -16.34 5.39
#